data_4OG7
#
_entry.id   4OG7
#
_cell.length_a   48.040
_cell.length_b   79.737
_cell.length_c   124.801
_cell.angle_alpha   90.00
_cell.angle_beta   90.00
_cell.angle_gamma   90.00
#
_symmetry.space_group_name_H-M   'P 21 21 21'
#
loop_
_entity.id
_entity.type
_entity.pdbx_description
1 polymer Menin
2 non-polymer 'SULFATE ION'
3 non-polymer 4-(3-{4-[(S)-cyclopentyl(hydroxy)pyridin-2-ylmethyl]piperidin-1-yl}propoxy)benzenesulfonamide
4 non-polymer 'TRIETHYLENE GLYCOL'
5 non-polymer DI(HYDROXYETHYL)ETHER
6 non-polymer 'DIMETHYL SULFOXIDE'
7 water water
#
_entity_poly.entity_id   1
_entity_poly.type   'polypeptide(L)'
_entity_poly.pdbx_seq_one_letter_code
;GGSSSMGLKAAQKTLFPLRSIDDVVRLFAAELGREEPDLVLLSLVLGFVEHFLAVNRVGLTYFPVADLSIIAALYARFTA
QIRGAVDLSLYPREGGVSSRELVKKVSDVIWNSLSRSYFKDRAHIQSLFSFITGTKLDSSGVAFAVVGACQALGLRDVHL
ALSEDHAWVVFGPNGEQTAEVTWHGKGNEDRRGQTVNAGVAERSWLYLKGSYMRCDRKMEVAFMVCAINPSIDLHTDSLE
LLQLQQKLLWLLYDLGHLERYPMALGNLADLEELEPTPGRPDPLTLYHKGIASAKTYYRDEHIYPYMYLAGYHCRNRNVR
EALQAWADTATVIQDYNYCREDEEIYKEFFEVANDVIPNLLKEAASLLEAGSQGSALQDPECFAHLLRFYDGICKWEEGS
PTPVLHVGWATFLVQSLGRFEGQVRQKVRIVSVPAPTASPPPEGPVLTFQSEKMKGMKELLVATKINSSAIKLQLTAQSQ
VQMKKQKVS
;
_entity_poly.pdbx_strand_id   A
#
loop_
_chem_comp.id
_chem_comp.type
_chem_comp.name
_chem_comp.formula
2SE non-polymer 4-(3-{4-[(S)-cyclopentyl(hydroxy)pyridin-2-ylmethyl]piperidin-1-yl}propoxy)benzenesulfonamide 'C25 H35 N3 O4 S'
DMS non-polymer 'DIMETHYL SULFOXIDE' 'C2 H6 O S'
PEG non-polymer DI(HYDROXYETHYL)ETHER 'C4 H10 O3'
PGE non-polymer 'TRIETHYLENE GLYCOL' 'C6 H14 O4'
SO4 non-polymer 'SULFATE ION' 'O4 S -2'
#
# COMPACT_ATOMS: atom_id res chain seq x y z
N GLY A 7 15.90 27.21 -0.68
CA GLY A 7 16.01 28.65 -1.06
C GLY A 7 15.15 29.18 -2.21
N LEU A 8 15.26 28.59 -3.41
CA LEU A 8 16.22 27.54 -3.75
C LEU A 8 17.65 28.00 -3.63
N LYS A 9 18.52 27.03 -3.40
CA LYS A 9 19.91 27.31 -3.30
C LYS A 9 20.54 27.27 -4.68
N ALA A 10 21.53 28.11 -4.89
CA ALA A 10 22.29 28.12 -6.12
C ALA A 10 22.65 26.69 -6.56
N ALA A 11 23.17 25.88 -5.65
CA ALA A 11 23.57 24.48 -6.00
C ALA A 11 22.40 23.57 -6.42
N GLN A 12 21.19 23.87 -5.97
CA GLN A 12 20.02 23.11 -6.43
C GLN A 12 19.60 23.58 -7.82
N LYS A 13 20.13 24.69 -8.31
CA LYS A 13 19.66 25.24 -9.60
C LYS A 13 20.51 24.88 -10.82
N THR A 14 21.73 24.40 -10.60
CA THR A 14 22.68 24.18 -11.69
C THR A 14 22.24 23.06 -12.64
N LEU A 15 21.34 22.21 -12.24
CA LEU A 15 20.92 21.08 -13.13
C LEU A 15 19.79 21.45 -14.09
N PHE A 16 19.22 22.64 -13.93
CA PHE A 16 18.15 23.05 -14.81
C PHE A 16 18.68 23.60 -16.14
N PRO A 17 17.90 23.51 -17.22
CA PRO A 17 16.59 22.91 -17.36
C PRO A 17 16.70 21.42 -17.26
N LEU A 18 15.61 20.73 -16.88
CA LEU A 18 15.58 19.29 -16.97
C LEU A 18 14.95 18.93 -18.34
N ARG A 19 15.74 18.25 -19.17
CA ARG A 19 15.35 17.99 -20.56
C ARG A 19 15.01 16.55 -20.80
N SER A 20 15.26 15.71 -19.81
CA SER A 20 15.02 14.30 -19.98
C SER A 20 14.76 13.60 -18.67
N ILE A 21 14.31 12.34 -18.79
CA ILE A 21 14.18 11.46 -17.67
C ILE A 21 15.46 11.45 -16.84
N ASP A 22 16.63 11.24 -17.47
CA ASP A 22 17.89 11.13 -16.75
C ASP A 22 18.29 12.42 -16.07
N ASP A 23 17.94 13.56 -16.66
CA ASP A 23 18.08 14.87 -15.99
C ASP A 23 17.23 14.89 -14.71
N VAL A 24 16.00 14.40 -14.76
CA VAL A 24 15.23 14.30 -13.52
C VAL A 24 15.97 13.40 -12.50
N VAL A 25 16.51 12.25 -12.96
CA VAL A 25 17.13 11.30 -12.06
C VAL A 25 18.34 12.01 -11.45
N ARG A 26 19.09 12.72 -12.30
CA ARG A 26 20.27 13.47 -11.78
C ARG A 26 19.84 14.44 -10.71
N LEU A 27 18.71 15.11 -10.88
CA LEU A 27 18.22 16.00 -9.84
C LEU A 27 17.96 15.29 -8.50
N PHE A 28 17.29 14.15 -8.59
CA PHE A 28 17.00 13.36 -7.41
C PHE A 28 18.30 12.91 -6.71
N ALA A 29 19.27 12.52 -7.52
CA ALA A 29 20.53 12.03 -7.00
C ALA A 29 21.20 13.17 -6.22
N ALA A 30 21.19 14.37 -6.79
CA ALA A 30 21.90 15.45 -6.15
C ALA A 30 21.14 15.86 -4.85
N GLU A 31 19.81 15.91 -4.89
CA GLU A 31 19.06 16.19 -3.65
C GLU A 31 19.27 15.07 -2.61
N LEU A 32 19.38 13.80 -3.04
CA LEU A 32 19.57 12.75 -2.09
C LEU A 32 20.98 12.70 -1.57
N GLY A 33 21.88 13.37 -2.23
CA GLY A 33 23.23 13.58 -1.70
C GLY A 33 23.14 14.47 -0.48
N ARG A 34 22.17 15.38 -0.44
CA ARG A 34 22.17 16.37 0.59
C ARG A 34 21.70 15.82 1.92
N GLU A 35 22.14 16.53 2.94
CA GLU A 35 21.70 16.37 4.30
C GLU A 35 20.18 16.21 4.37
N GLU A 36 19.46 17.05 3.63
CA GLU A 36 18.00 17.16 3.64
C GLU A 36 17.52 17.35 2.19
N PRO A 37 17.21 16.27 1.50
CA PRO A 37 16.60 16.54 0.22
C PRO A 37 15.38 17.43 0.33
N ASP A 38 15.22 18.29 -0.68
CA ASP A 38 14.19 19.30 -0.70
C ASP A 38 12.90 18.68 -1.27
N LEU A 39 11.95 18.37 -0.37
CA LEU A 39 10.73 17.68 -0.78
C LEU A 39 9.83 18.53 -1.66
N VAL A 40 9.81 19.81 -1.38
CA VAL A 40 8.97 20.75 -2.20
C VAL A 40 9.49 20.81 -3.63
N LEU A 41 10.81 21.05 -3.76
CA LEU A 41 11.42 21.07 -5.11
C LEU A 41 11.07 19.78 -5.89
N LEU A 42 11.34 18.65 -5.27
CA LEU A 42 11.22 17.36 -5.96
C LEU A 42 9.78 17.02 -6.29
N SER A 43 8.85 17.34 -5.40
CA SER A 43 7.41 17.04 -5.66
C SER A 43 6.88 17.88 -6.78
N LEU A 44 7.29 19.15 -6.78
CA LEU A 44 6.92 20.09 -7.87
C LEU A 44 7.39 19.62 -9.22
N VAL A 45 8.64 19.17 -9.25
CA VAL A 45 9.20 18.68 -10.47
C VAL A 45 8.46 17.43 -10.95
N LEU A 46 8.23 16.44 -10.09
CA LEU A 46 7.47 15.29 -10.47
C LEU A 46 6.09 15.64 -10.94
N GLY A 47 5.39 16.59 -10.27
CA GLY A 47 3.98 16.83 -10.64
C GLY A 47 3.90 17.57 -11.96
N PHE A 48 4.86 18.49 -12.11
CA PHE A 48 5.08 19.09 -13.42
C PHE A 48 5.25 18.08 -14.54
N VAL A 49 6.26 17.22 -14.44
CA VAL A 49 6.49 16.25 -15.52
C VAL A 49 5.32 15.29 -15.67
N GLU A 50 4.67 14.92 -14.57
CA GLU A 50 3.49 14.04 -14.65
C GLU A 50 2.35 14.76 -15.34
N HIS A 51 2.17 16.04 -15.06
CA HIS A 51 1.10 16.79 -15.70
C HIS A 51 1.30 16.82 -17.21
N PHE A 52 2.53 17.06 -17.66
CA PHE A 52 2.77 17.15 -19.10
C PHE A 52 3.10 15.82 -19.79
N LEU A 53 3.00 14.70 -19.08
CA LEU A 53 3.13 13.41 -19.74
C LEU A 53 1.89 12.58 -19.54
N ALA A 54 1.09 12.89 -18.55
CA ALA A 54 -0.13 12.12 -18.38
C ALA A 54 -1.41 12.92 -18.39
N VAL A 55 -1.37 14.20 -18.03
CA VAL A 55 -2.62 14.96 -17.93
C VAL A 55 -2.90 15.70 -19.21
N ASN A 56 -1.88 16.37 -19.70
CA ASN A 56 -1.99 17.06 -20.97
C ASN A 56 -0.72 16.85 -21.82
N ARG A 57 -0.81 16.00 -22.84
CA ARG A 57 0.35 15.70 -23.73
C ARG A 57 0.37 16.57 -25.00
N VAL A 58 -0.46 17.58 -25.06
CA VAL A 58 -0.49 18.43 -26.22
C VAL A 58 0.83 19.14 -26.41
N GLY A 59 1.45 19.02 -27.55
CA GLY A 59 2.72 19.67 -27.73
C GLY A 59 3.94 18.81 -27.46
N LEU A 60 3.81 17.80 -26.61
CA LEU A 60 4.90 16.83 -26.32
C LEU A 60 5.64 16.30 -27.59
N THR A 61 6.93 16.43 -27.59
CA THR A 61 7.72 15.87 -28.65
C THR A 61 8.71 14.87 -28.13
N TYR A 62 8.99 14.95 -26.84
CA TYR A 62 9.89 14.04 -26.21
C TYR A 62 9.66 14.09 -24.70
N PHE A 63 9.88 15.21 -24.07
CA PHE A 63 9.91 15.32 -22.63
C PHE A 63 9.65 16.76 -22.29
N PRO A 64 8.77 17.02 -21.32
CA PRO A 64 8.43 18.42 -21.04
C PRO A 64 9.59 19.09 -20.31
N VAL A 65 10.18 20.08 -20.93
CA VAL A 65 11.38 20.69 -20.43
C VAL A 65 11.02 21.51 -19.16
N ALA A 66 11.70 21.20 -18.06
CA ALA A 66 11.45 21.91 -16.81
C ALA A 66 12.52 22.99 -16.63
N ASP A 67 12.14 24.20 -17.04
CA ASP A 67 12.99 25.37 -16.96
C ASP A 67 12.97 25.85 -15.55
N LEU A 68 14.11 26.37 -15.13
CA LEU A 68 14.24 26.92 -13.81
C LEU A 68 13.19 28.00 -13.54
N SER A 69 12.88 28.84 -14.52
CA SER A 69 11.97 29.96 -14.26
C SER A 69 10.60 29.41 -13.84
N ILE A 70 10.14 28.36 -14.49
CA ILE A 70 8.83 27.75 -14.17
C ILE A 70 8.85 27.09 -12.77
N ILE A 71 9.82 26.21 -12.55
CA ILE A 71 9.89 25.46 -11.25
C ILE A 71 10.07 26.44 -10.05
N ALA A 72 10.95 27.41 -10.24
CA ALA A 72 11.27 28.37 -9.19
C ALA A 72 10.03 29.20 -8.84
N ALA A 73 9.23 29.57 -9.83
CA ALA A 73 8.06 30.38 -9.53
C ALA A 73 7.00 29.51 -8.78
N LEU A 74 6.89 28.24 -9.15
CA LEU A 74 5.98 27.34 -8.40
C LEU A 74 6.50 27.24 -6.96
N TYR A 75 7.80 27.07 -6.85
CA TYR A 75 8.41 26.91 -5.55
C TYR A 75 8.16 28.13 -4.69
N ALA A 76 8.40 29.31 -5.25
CA ALA A 76 8.12 30.54 -4.57
C ALA A 76 6.64 30.71 -4.18
N ARG A 77 5.70 30.28 -5.02
CA ARG A 77 4.28 30.32 -4.59
C ARG A 77 4.03 29.44 -3.36
N PHE A 78 4.58 28.23 -3.34
CA PHE A 78 4.33 27.36 -2.21
C PHE A 78 4.89 27.98 -0.97
N THR A 79 6.16 28.35 -1.02
CA THR A 79 6.81 28.85 0.19
C THR A 79 6.20 30.13 0.72
N ALA A 80 5.82 31.09 -0.16
CA ALA A 80 5.10 32.28 0.27
C ALA A 80 3.77 31.94 0.90
N GLN A 81 3.04 31.00 0.33
CA GLN A 81 1.74 30.62 0.88
C GLN A 81 1.87 30.05 2.33
N ILE A 82 2.88 29.22 2.55
CA ILE A 82 3.12 28.63 3.87
C ILE A 82 3.68 29.66 4.81
N ARG A 83 4.69 30.39 4.37
CA ARG A 83 5.39 31.32 5.26
C ARG A 83 4.49 32.45 5.66
N GLY A 84 3.63 32.87 4.74
CA GLY A 84 2.69 33.98 5.01
C GLY A 84 1.63 33.66 6.03
N ALA A 85 1.20 32.40 6.04
CA ALA A 85 0.07 31.97 6.80
C ALA A 85 0.47 31.30 8.14
N VAL A 86 1.71 30.84 8.31
CA VAL A 86 2.17 30.27 9.58
C VAL A 86 3.25 31.14 10.29
N ASP A 87 2.84 31.92 11.27
CA ASP A 87 3.78 32.67 12.06
C ASP A 87 4.39 31.79 13.15
N LEU A 88 5.59 31.33 12.87
CA LEU A 88 6.38 30.51 13.77
C LEU A 88 6.63 31.09 15.13
N SER A 89 6.68 32.42 15.25
CA SER A 89 6.93 33.04 16.51
C SER A 89 5.74 32.90 17.45
N LEU A 90 4.58 32.52 16.95
CA LEU A 90 3.45 32.24 17.86
C LEU A 90 3.56 30.86 18.52
N TYR A 91 4.52 30.04 18.08
CA TYR A 91 4.65 28.61 18.47
C TYR A 91 6.06 28.29 18.84
N PRO A 92 6.47 28.67 20.03
CA PRO A 92 7.89 28.53 20.42
C PRO A 92 8.39 27.06 20.47
N ARG A 93 9.60 26.81 19.93
CA ARG A 93 10.18 25.46 19.81
C ARG A 93 11.33 25.14 20.79
N GLU A 94 11.05 24.36 21.82
CA GLU A 94 12.10 23.76 22.67
C GLU A 94 12.75 22.56 21.96
N GLY A 95 14.03 22.36 22.18
CA GLY A 95 14.78 21.18 21.71
C GLY A 95 15.02 21.11 20.21
N GLY A 96 14.65 22.16 19.49
CA GLY A 96 14.52 22.06 18.05
C GLY A 96 13.41 21.10 17.64
N VAL A 97 12.35 21.02 18.46
CA VAL A 97 11.17 20.24 18.08
C VAL A 97 9.84 21.01 18.14
N SER A 98 8.92 20.53 17.34
CA SER A 98 7.68 21.20 17.03
C SER A 98 6.65 20.89 18.08
N SER A 99 5.60 21.69 18.13
CA SER A 99 4.54 21.45 19.09
C SER A 99 3.30 20.91 18.34
N ARG A 100 2.40 20.25 19.04
CA ARG A 100 1.17 19.79 18.40
C ARG A 100 0.41 20.97 17.77
N GLU A 101 0.38 22.13 18.45
CA GLU A 101 -0.37 23.27 17.89
C GLU A 101 0.25 23.75 16.57
N LEU A 102 1.57 23.70 16.50
CA LEU A 102 2.26 24.14 15.27
C LEU A 102 1.90 23.21 14.12
N VAL A 103 2.01 21.92 14.39
CA VAL A 103 1.68 20.91 13.37
C VAL A 103 0.21 21.05 12.91
N LYS A 104 -0.70 21.29 13.85
CA LYS A 104 -2.13 21.48 13.52
C LYS A 104 -2.41 22.70 12.63
N LYS A 105 -1.72 23.77 12.91
CA LYS A 105 -1.84 24.97 12.17
C LYS A 105 -1.36 24.74 10.73
N VAL A 106 -0.24 24.05 10.53
CA VAL A 106 0.25 23.79 9.18
C VAL A 106 -0.74 22.93 8.42
N SER A 107 -1.22 21.85 9.07
CA SER A 107 -2.35 21.10 8.54
C SER A 107 -3.52 21.97 8.18
N ASP A 108 -3.97 22.84 9.08
CA ASP A 108 -5.13 23.67 8.77
C ASP A 108 -4.85 24.55 7.54
N VAL A 109 -3.63 25.08 7.46
CA VAL A 109 -3.27 25.88 6.27
C VAL A 109 -3.39 25.11 4.95
N ILE A 110 -2.89 23.91 4.90
CA ILE A 110 -3.00 23.14 3.68
C ILE A 110 -4.47 22.85 3.40
N TRP A 111 -5.16 22.36 4.39
CA TRP A 111 -6.58 22.07 4.25
C TRP A 111 -7.42 23.25 3.73
N ASN A 112 -7.21 24.39 4.35
CA ASN A 112 -8.01 25.55 3.99
C ASN A 112 -7.71 26.05 2.58
N SER A 113 -6.55 25.70 2.03
CA SER A 113 -6.21 26.16 0.68
C SER A 113 -6.89 25.32 -0.40
N LEU A 114 -7.47 24.17 -0.02
CA LEU A 114 -7.99 23.24 -0.98
C LEU A 114 -9.35 23.63 -1.50
N SER A 115 -9.65 23.28 -2.75
CA SER A 115 -10.99 23.56 -3.28
C SER A 115 -12.00 22.80 -2.41
N ARG A 116 -13.17 23.42 -2.28
CA ARG A 116 -14.25 22.98 -1.40
C ARG A 116 -14.81 21.61 -1.83
N SER A 117 -14.99 21.44 -3.13
CA SER A 117 -15.58 20.25 -3.69
C SER A 117 -14.72 19.83 -4.89
N TYR A 118 -14.28 18.59 -4.91
CA TYR A 118 -13.68 17.96 -6.10
C TYR A 118 -13.66 16.43 -5.94
N PHE A 119 -13.41 15.69 -7.02
CA PHE A 119 -13.34 14.23 -6.91
C PHE A 119 -12.05 13.85 -6.21
N LYS A 120 -12.15 13.41 -4.95
CA LYS A 120 -10.96 13.30 -4.07
C LYS A 120 -10.06 12.11 -4.47
N ASP A 121 -10.52 11.27 -5.38
CA ASP A 121 -9.75 10.09 -5.77
C ASP A 121 -9.44 10.12 -7.28
N ARG A 122 -9.42 11.30 -7.86
CA ARG A 122 -8.83 11.48 -9.17
C ARG A 122 -7.41 10.98 -9.21
N ALA A 123 -6.93 10.73 -10.42
CA ALA A 123 -5.54 10.49 -10.60
C ALA A 123 -4.90 11.89 -10.68
N HIS A 124 -3.61 11.92 -10.39
CA HIS A 124 -2.79 13.09 -10.55
C HIS A 124 -3.04 14.24 -9.64
N ILE A 125 -3.58 14.02 -8.44
CA ILE A 125 -3.70 15.13 -7.51
C ILE A 125 -2.85 14.86 -6.27
N GLN A 126 -1.90 13.97 -6.41
CA GLN A 126 -0.91 13.80 -5.35
C GLN A 126 0.26 14.68 -5.03
N SER A 127 0.59 15.64 -5.88
CA SER A 127 1.84 16.40 -5.78
C SER A 127 1.60 17.82 -5.38
N LEU A 128 2.68 18.50 -5.02
CA LEU A 128 2.57 19.91 -4.75
C LEU A 128 2.25 20.70 -5.99
N PHE A 129 2.58 20.13 -7.16
CA PHE A 129 2.12 20.74 -8.42
C PHE A 129 0.61 20.86 -8.48
N SER A 130 -0.08 19.78 -8.11
CA SER A 130 -1.52 19.76 -8.10
C SER A 130 -2.08 20.71 -7.02
N PHE A 131 -1.40 20.74 -5.89
CA PHE A 131 -1.80 21.67 -4.79
C PHE A 131 -1.77 23.11 -5.23
N ILE A 132 -0.66 23.53 -5.84
CA ILE A 132 -0.49 24.90 -6.32
C ILE A 132 -1.30 25.27 -7.57
N THR A 133 -1.30 24.43 -8.58
CA THR A 133 -1.98 24.78 -9.82
C THR A 133 -3.46 24.48 -9.82
N GLY A 134 -3.86 23.48 -9.02
CA GLY A 134 -5.22 23.05 -8.99
C GLY A 134 -5.93 23.12 -7.67
N THR A 135 -5.26 23.57 -6.63
CA THR A 135 -5.77 23.47 -5.27
C THR A 135 -6.42 22.15 -4.80
N LYS A 136 -5.93 21.04 -5.28
CA LYS A 136 -6.52 19.75 -5.03
C LYS A 136 -5.44 18.79 -4.60
N LEU A 137 -5.78 17.93 -3.66
CA LEU A 137 -4.89 16.92 -3.16
C LEU A 137 -5.71 15.70 -2.71
N ASP A 138 -5.17 14.51 -2.94
CA ASP A 138 -5.80 13.31 -2.41
C ASP A 138 -5.40 13.18 -0.95
N SER A 139 -6.00 12.21 -0.26
CA SER A 139 -5.83 12.04 1.17
C SER A 139 -4.38 12.05 1.66
N SER A 140 -3.58 11.14 1.11
CA SER A 140 -2.26 11.01 1.60
C SER A 140 -1.39 12.16 1.04
N GLY A 141 -1.78 12.74 -0.09
CA GLY A 141 -1.20 13.97 -0.56
C GLY A 141 -1.26 15.16 0.42
N VAL A 142 -2.36 15.31 1.14
CA VAL A 142 -2.44 16.30 2.19
C VAL A 142 -1.36 16.05 3.26
N ALA A 143 -1.20 14.80 3.70
CA ALA A 143 -0.18 14.50 4.70
C ALA A 143 1.22 14.81 4.16
N PHE A 144 1.48 14.40 2.91
CA PHE A 144 2.76 14.73 2.34
C PHE A 144 2.97 16.22 2.31
N ALA A 145 1.91 16.94 1.93
CA ALA A 145 2.04 18.36 1.78
C ALA A 145 2.30 19.05 3.12
N VAL A 146 1.71 18.52 4.19
CA VAL A 146 1.98 19.01 5.53
C VAL A 146 3.47 18.82 5.85
N VAL A 147 4.02 17.66 5.46
CA VAL A 147 5.41 17.40 5.74
C VAL A 147 6.30 18.38 4.96
N GLY A 148 6.01 18.56 3.67
CA GLY A 148 6.73 19.51 2.85
C GLY A 148 6.72 20.92 3.39
N ALA A 149 5.54 21.33 3.83
CA ALA A 149 5.38 22.64 4.37
C ALA A 149 6.22 22.82 5.64
N CYS A 150 6.20 21.82 6.51
CA CYS A 150 7.00 21.80 7.71
C CYS A 150 8.51 21.90 7.42
N GLN A 151 8.98 21.11 6.49
CA GLN A 151 10.38 21.24 6.11
C GLN A 151 10.70 22.66 5.57
N ALA A 152 9.79 23.20 4.77
CA ALA A 152 10.03 24.54 4.24
C ALA A 152 10.05 25.57 5.36
N LEU A 153 9.35 25.34 6.47
CA LEU A 153 9.46 26.24 7.64
C LEU A 153 10.69 25.92 8.54
N GLY A 154 11.52 24.93 8.21
CA GLY A 154 12.68 24.59 9.06
C GLY A 154 12.36 23.60 10.16
N LEU A 155 11.18 22.97 10.12
CA LEU A 155 10.76 22.06 11.19
C LEU A 155 11.20 20.64 10.91
N ARG A 156 12.47 20.38 11.13
CA ARG A 156 12.98 19.09 10.71
C ARG A 156 12.60 17.89 11.57
N ASP A 157 11.88 18.09 12.70
CA ASP A 157 11.37 16.94 13.40
C ASP A 157 10.10 16.35 12.79
N VAL A 158 9.47 17.03 11.83
CA VAL A 158 8.15 16.59 11.38
C VAL A 158 8.33 15.67 10.22
N HIS A 159 7.76 14.48 10.32
CA HIS A 159 7.89 13.46 9.35
C HIS A 159 6.60 12.72 9.05
N LEU A 160 6.60 12.18 7.86
CA LEU A 160 5.52 11.38 7.29
C LEU A 160 5.46 10.01 7.94
N ALA A 161 4.27 9.65 8.39
CA ALA A 161 3.96 8.29 8.79
C ALA A 161 2.95 7.65 7.86
N LEU A 162 3.18 6.35 7.58
CA LEU A 162 2.34 5.63 6.67
C LEU A 162 1.97 4.28 7.26
N SER A 163 0.69 3.92 7.19
CA SER A 163 0.31 2.51 7.24
C SER A 163 -0.10 2.08 5.83
N GLU A 164 -0.62 0.86 5.67
CA GLU A 164 -0.93 0.40 4.37
C GLU A 164 -2.08 1.09 3.64
N ASP A 165 -2.78 1.98 4.34
CA ASP A 165 -4.02 2.64 3.78
C ASP A 165 -4.29 4.03 4.34
N HIS A 166 -3.32 4.66 5.00
CA HIS A 166 -3.51 5.96 5.59
C HIS A 166 -2.14 6.60 5.88
N ALA A 167 -2.16 7.90 6.18
CA ALA A 167 -0.98 8.70 6.34
C ALA A 167 -1.24 9.74 7.38
N TRP A 168 -0.19 9.99 8.18
CA TRP A 168 -0.27 11.06 9.16
C TRP A 168 1.14 11.56 9.40
N VAL A 169 1.35 12.31 10.45
CA VAL A 169 2.69 12.73 10.80
C VAL A 169 3.16 12.35 12.17
N VAL A 170 4.49 12.29 12.29
CA VAL A 170 5.15 12.15 13.59
C VAL A 170 6.00 13.38 13.79
N PHE A 171 6.28 13.72 15.04
CA PHE A 171 7.05 14.89 15.37
C PHE A 171 7.35 14.85 16.85
N GLY A 172 7.96 15.95 17.30
CA GLY A 172 8.15 16.22 18.73
C GLY A 172 9.35 15.50 19.28
N PRO A 173 9.51 15.49 20.61
CA PRO A 173 10.69 14.90 21.28
C PRO A 173 10.80 13.44 20.85
N ASN A 174 11.98 13.07 20.34
CA ASN A 174 12.30 11.74 19.85
C ASN A 174 11.43 11.33 18.72
N GLY A 175 10.73 12.25 18.07
CA GLY A 175 9.80 11.86 17.02
C GLY A 175 8.71 10.95 17.55
N GLU A 176 8.35 11.11 18.83
CA GLU A 176 7.40 10.18 19.43
C GLU A 176 5.94 10.56 19.31
N GLN A 177 5.61 11.82 18.97
CA GLN A 177 4.26 12.22 18.87
C GLN A 177 3.70 11.87 17.50
N THR A 178 2.40 11.61 17.46
CA THR A 178 1.60 11.44 16.23
C THR A 178 0.49 12.45 16.11
N ALA A 179 0.21 12.87 14.86
CA ALA A 179 -0.95 13.71 14.61
C ALA A 179 -1.59 13.38 13.32
N GLU A 180 -2.91 13.17 13.40
CA GLU A 180 -3.78 13.12 12.23
C GLU A 180 -3.83 14.45 11.53
N VAL A 181 -3.58 14.43 10.23
CA VAL A 181 -3.68 15.69 9.46
C VAL A 181 -4.50 15.64 8.20
N THR A 182 -5.02 14.47 7.83
CA THR A 182 -5.84 14.34 6.65
C THR A 182 -7.00 13.47 6.96
N TRP A 183 -7.87 13.24 5.98
CA TRP A 183 -9.04 12.37 6.16
C TRP A 183 -8.69 10.92 5.83
N HIS A 184 -9.53 10.00 6.28
CA HIS A 184 -9.41 8.62 5.79
C HIS A 184 -10.76 8.21 5.18
N GLY A 185 -10.74 7.69 3.96
CA GLY A 185 -11.88 7.02 3.36
C GLY A 185 -13.16 7.82 3.19
N LYS A 186 -14.25 7.13 2.84
CA LYS A 186 -15.54 7.79 2.59
C LYS A 186 -16.34 7.69 3.88
N GLY A 187 -16.56 8.82 4.55
CA GLY A 187 -17.49 8.88 5.68
C GLY A 187 -16.85 8.99 7.04
N ASN A 188 -15.63 8.48 7.19
CA ASN A 188 -14.94 8.59 8.46
C ASN A 188 -15.04 10.06 8.84
N GLU A 189 -15.62 10.33 10.01
CA GLU A 189 -15.61 11.66 10.62
C GLU A 189 -14.22 11.74 11.26
N ASP A 190 -13.86 12.93 11.78
CA ASP A 190 -12.45 13.33 11.98
C ASP A 190 -11.91 13.16 13.41
N ARG A 191 -10.61 12.81 13.45
CA ARG A 191 -9.75 12.91 14.64
C ARG A 191 -8.55 13.82 14.30
N ARG A 192 -8.78 14.83 13.43
CA ARG A 192 -7.67 15.63 12.93
C ARG A 192 -7.07 16.28 14.15
N GLY A 193 -5.75 16.34 14.22
CA GLY A 193 -5.11 16.92 15.39
C GLY A 193 -4.83 15.93 16.52
N GLN A 194 -5.52 14.78 16.56
CA GLN A 194 -5.32 13.77 17.61
C GLN A 194 -4.18 12.78 17.30
N THR A 195 -3.85 11.95 18.30
CA THR A 195 -2.86 10.89 18.14
C THR A 195 -3.51 9.75 17.40
N VAL A 196 -2.69 8.82 16.95
CA VAL A 196 -3.21 7.55 16.48
C VAL A 196 -3.31 6.46 17.56
N ASN A 197 -3.15 6.80 18.84
CA ASN A 197 -2.98 5.72 19.86
C ASN A 197 -4.22 4.89 20.11
N ALA A 198 -5.40 5.46 19.95
CA ALA A 198 -6.64 4.67 19.98
C ALA A 198 -6.66 3.60 18.91
N GLY A 199 -6.26 3.97 17.69
CA GLY A 199 -6.24 3.01 16.57
C GLY A 199 -5.23 1.87 16.75
N VAL A 200 -4.05 2.25 17.26
CA VAL A 200 -3.05 1.29 17.62
C VAL A 200 -3.59 0.34 18.69
N ALA A 201 -4.11 0.91 19.76
CA ALA A 201 -4.60 0.14 20.88
C ALA A 201 -5.74 -0.84 20.49
N GLU A 202 -6.56 -0.51 19.49
CA GLU A 202 -7.62 -1.46 19.12
C GLU A 202 -7.18 -2.49 18.12
N ARG A 203 -5.92 -2.43 17.70
CA ARG A 203 -5.35 -3.47 16.85
C ARG A 203 -6.07 -3.65 15.52
N SER A 204 -6.50 -2.53 14.96
CA SER A 204 -7.04 -2.52 13.59
C SER A 204 -5.89 -2.65 12.62
N TRP A 205 -6.22 -3.06 11.41
CA TRP A 205 -5.18 -3.05 10.35
C TRP A 205 -4.75 -1.65 9.96
N LEU A 206 -5.64 -0.69 10.00
CA LEU A 206 -5.35 0.71 9.59
C LEU A 206 -4.13 1.29 10.26
N TYR A 207 -3.95 0.98 11.54
CA TYR A 207 -2.78 1.47 12.27
C TYR A 207 -1.67 0.43 12.54
N LEU A 208 -1.88 -0.76 11.97
CA LEU A 208 -0.86 -1.81 11.95
C LEU A 208 -0.31 -2.20 13.30
N LYS A 209 -1.17 -2.15 14.31
CA LYS A 209 -0.73 -2.44 15.68
C LYS A 209 0.59 -1.69 15.95
N GLY A 210 0.67 -0.49 15.47
CA GLY A 210 1.82 0.36 15.78
C GLY A 210 3.03 0.09 14.90
N SER A 211 3.04 -0.95 14.07
CA SER A 211 4.19 -1.24 13.17
C SER A 211 3.89 -0.55 11.85
N TYR A 212 3.82 0.77 11.88
CA TYR A 212 3.65 1.55 10.67
C TYR A 212 4.99 2.20 10.38
N MET A 213 5.08 2.77 9.20
CA MET A 213 6.31 3.38 8.77
C MET A 213 6.46 4.77 9.36
N ARG A 214 7.66 5.02 9.87
CA ARG A 214 8.06 6.33 10.38
C ARG A 214 9.15 6.80 9.41
N CYS A 215 8.81 7.66 8.46
CA CYS A 215 9.74 8.01 7.36
C CYS A 215 10.83 8.96 7.84
N ASP A 216 12.02 8.79 7.32
CA ASP A 216 13.02 9.85 7.38
C ASP A 216 12.86 10.63 6.07
N ARG A 217 13.71 11.64 5.83
CA ARG A 217 13.53 12.40 4.61
C ARG A 217 13.67 11.58 3.35
N LYS A 218 14.59 10.63 3.36
CA LYS A 218 14.80 9.82 2.18
C LYS A 218 13.58 8.98 1.86
N MET A 219 12.95 8.44 2.90
CA MET A 219 11.77 7.59 2.72
C MET A 219 10.62 8.47 2.23
N GLU A 220 10.62 9.76 2.56
CA GLU A 220 9.59 10.66 2.04
C GLU A 220 9.80 10.91 0.54
N VAL A 221 11.07 10.89 0.10
CA VAL A 221 11.34 10.99 -1.33
C VAL A 221 10.83 9.70 -1.98
N ALA A 222 11.17 8.56 -1.36
CA ALA A 222 10.64 7.28 -1.86
C ALA A 222 9.09 7.25 -2.00
N PHE A 223 8.40 7.78 -1.01
CA PHE A 223 6.93 7.90 -1.07
C PHE A 223 6.45 8.72 -2.27
N MET A 224 7.04 9.90 -2.52
CA MET A 224 6.60 10.72 -3.67
C MET A 224 6.91 10.02 -4.98
N VAL A 225 7.98 9.21 -5.01
CA VAL A 225 8.29 8.42 -6.23
C VAL A 225 7.25 7.28 -6.40
N CYS A 226 6.90 6.58 -5.31
CA CYS A 226 5.84 5.55 -5.40
C CYS A 226 4.53 6.21 -5.81
N ALA A 227 4.35 7.47 -5.42
CA ALA A 227 3.12 8.18 -5.71
C ALA A 227 3.03 8.65 -7.17
N ILE A 228 4.12 8.58 -7.93
CA ILE A 228 4.02 8.87 -9.34
C ILE A 228 2.89 7.99 -9.92
N ASN A 229 2.00 8.61 -10.67
CA ASN A 229 0.95 7.85 -11.33
C ASN A 229 1.08 7.89 -12.83
N PRO A 230 1.61 6.82 -13.43
CA PRO A 230 1.75 6.85 -14.86
C PRO A 230 0.50 6.74 -15.71
N SER A 231 -0.69 6.57 -15.14
CA SER A 231 -1.88 6.38 -15.96
C SER A 231 -2.32 7.59 -16.74
N ILE A 232 -2.55 7.37 -18.05
CA ILE A 232 -3.10 8.39 -18.92
C ILE A 232 -4.62 8.23 -18.98
N ASP A 233 -5.10 7.01 -19.10
CA ASP A 233 -6.55 6.75 -18.95
C ASP A 233 -6.65 5.33 -18.53
N LEU A 234 -7.88 4.79 -18.42
CA LEU A 234 -8.07 3.41 -17.95
C LEU A 234 -7.22 2.39 -18.74
N HIS A 235 -6.98 2.66 -20.03
CA HIS A 235 -6.29 1.71 -20.92
C HIS A 235 -4.81 1.97 -21.14
N THR A 236 -4.32 3.14 -20.76
CA THR A 236 -3.03 3.55 -21.24
C THR A 236 -2.14 4.16 -20.16
N ASP A 237 -0.88 3.76 -20.15
CA ASP A 237 0.12 4.35 -19.29
C ASP A 237 1.18 5.13 -20.08
N SER A 238 1.72 6.16 -19.46
CA SER A 238 2.85 6.86 -19.96
C SER A 238 4.12 6.02 -19.80
N LEU A 239 4.69 5.66 -20.94
CA LEU A 239 5.95 4.94 -20.91
C LEU A 239 7.05 5.75 -20.27
N GLU A 240 7.01 7.06 -20.47
CA GLU A 240 8.03 7.95 -19.98
C GLU A 240 7.95 8.02 -18.45
N LEU A 241 6.74 8.00 -17.91
CA LEU A 241 6.58 8.05 -16.45
C LEU A 241 6.85 6.70 -15.79
N LEU A 242 6.42 5.62 -16.43
CA LEU A 242 6.83 4.28 -15.97
C LEU A 242 8.36 4.18 -15.88
N GLN A 243 9.06 4.52 -16.96
CA GLN A 243 10.55 4.52 -16.95
C GLN A 243 11.16 5.45 -15.84
N LEU A 244 10.62 6.66 -15.70
CA LEU A 244 11.11 7.63 -14.68
C LEU A 244 10.94 7.07 -13.28
N GLN A 245 9.74 6.57 -13.02
CA GLN A 245 9.44 5.96 -11.71
C GLN A 245 10.40 4.79 -11.40
N GLN A 246 10.58 3.94 -12.37
CA GLN A 246 11.47 2.80 -12.31
C GLN A 246 12.91 3.19 -11.98
N LYS A 247 13.47 4.09 -12.78
CA LYS A 247 14.81 4.64 -12.52
C LYS A 247 14.97 5.30 -11.17
N LEU A 248 13.94 6.01 -10.75
CA LEU A 248 13.99 6.68 -9.45
C LEU A 248 14.01 5.68 -8.31
N LEU A 249 13.15 4.69 -8.41
CA LEU A 249 13.17 3.57 -7.47
C LEU A 249 14.49 2.81 -7.45
N TRP A 250 15.14 2.62 -8.62
CA TRP A 250 16.43 1.92 -8.58
C TRP A 250 17.43 2.79 -7.87
N LEU A 251 17.39 4.11 -8.19
CA LEU A 251 18.33 5.05 -7.55
C LEU A 251 18.11 4.96 -6.01
N LEU A 252 16.84 5.02 -5.55
CA LEU A 252 16.58 4.90 -4.11
C LEU A 252 17.05 3.54 -3.57
N TYR A 253 16.88 2.52 -4.35
CA TYR A 253 17.31 1.20 -3.95
C TYR A 253 18.78 1.11 -3.68
N ASP A 254 19.58 1.61 -4.62
CA ASP A 254 21.01 1.52 -4.52
C ASP A 254 21.48 2.38 -3.40
N LEU A 255 20.77 3.42 -3.09
CA LEU A 255 21.28 4.27 -2.02
C LEU A 255 20.89 3.72 -0.64
N GLY A 256 20.12 2.65 -0.61
CA GLY A 256 19.74 2.04 0.67
C GLY A 256 18.43 2.58 1.20
N HIS A 257 17.71 3.36 0.41
CA HIS A 257 16.52 4.09 0.92
C HIS A 257 15.24 3.33 0.79
N LEU A 258 15.25 2.17 0.13
CA LEU A 258 14.07 1.29 0.15
C LEU A 258 14.11 0.19 1.24
N GLU A 259 15.14 0.23 2.08
CA GLU A 259 15.39 -0.83 3.08
C GLU A 259 14.19 -1.08 4.00
N ARG A 260 13.55 0.01 4.43
CA ARG A 260 12.41 -0.08 5.34
C ARG A 260 11.10 0.31 4.65
N TYR A 261 11.07 0.16 3.34
CA TYR A 261 9.84 0.49 2.59
C TYR A 261 9.34 -0.71 1.76
N PRO A 262 8.63 -1.65 2.40
CA PRO A 262 8.15 -2.90 1.74
C PRO A 262 7.37 -2.69 0.46
N MET A 263 6.45 -1.75 0.47
CA MET A 263 5.63 -1.61 -0.75
C MET A 263 6.37 -0.98 -1.92
N ALA A 264 7.37 -0.16 -1.62
CA ALA A 264 8.18 0.41 -2.68
C ALA A 264 8.89 -0.69 -3.43
N LEU A 265 9.31 -1.72 -2.70
CA LEU A 265 9.98 -2.90 -3.33
C LEU A 265 8.97 -3.70 -4.21
N GLY A 266 7.73 -3.79 -3.77
CA GLY A 266 6.68 -4.40 -4.59
C GLY A 266 6.37 -3.60 -5.88
N ASN A 267 6.25 -2.27 -5.76
CA ASN A 267 6.14 -1.38 -6.92
C ASN A 267 7.28 -1.59 -7.90
N LEU A 268 8.49 -1.68 -7.40
CA LEU A 268 9.67 -1.91 -8.29
C LEU A 268 9.61 -3.24 -9.00
N ALA A 269 9.25 -4.26 -8.27
CA ALA A 269 9.06 -5.61 -8.83
C ALA A 269 8.01 -5.64 -9.96
N ASP A 270 6.87 -4.99 -9.73
CA ASP A 270 5.86 -4.81 -10.76
C ASP A 270 6.40 -4.12 -12.00
N LEU A 271 7.13 -3.02 -11.78
CA LEU A 271 7.76 -2.33 -12.91
C LEU A 271 8.80 -3.19 -13.68
N GLU A 272 9.58 -3.98 -12.95
CA GLU A 272 10.51 -4.93 -13.56
C GLU A 272 9.84 -6.04 -14.39
N GLU A 273 8.74 -6.59 -13.87
CA GLU A 273 7.97 -7.58 -14.64
C GLU A 273 7.54 -6.95 -15.97
N LEU A 274 7.01 -5.74 -15.92
CA LEU A 274 6.55 -5.06 -17.14
C LEU A 274 7.72 -4.82 -18.10
N GLU A 275 8.86 -4.37 -17.57
CA GLU A 275 10.00 -4.00 -18.41
C GLU A 275 11.30 -4.18 -17.67
N PRO A 276 11.94 -5.35 -17.81
CA PRO A 276 13.05 -5.63 -16.89
C PRO A 276 14.30 -4.84 -17.22
N THR A 277 15.08 -4.51 -16.21
CA THR A 277 16.28 -3.80 -16.43
C THR A 277 17.39 -4.88 -16.48
N PRO A 278 18.17 -4.92 -17.59
CA PRO A 278 19.35 -5.80 -17.61
C PRO A 278 20.24 -5.53 -16.41
N GLY A 279 20.62 -6.58 -15.72
CA GLY A 279 21.58 -6.49 -14.64
C GLY A 279 21.00 -6.27 -13.26
N ARG A 280 19.67 -6.33 -13.15
CA ARG A 280 19.00 -6.16 -11.88
C ARG A 280 18.34 -7.48 -11.48
N PRO A 281 18.07 -7.69 -10.19
CA PRO A 281 17.34 -8.82 -9.68
C PRO A 281 15.99 -8.99 -10.38
N ASP A 282 15.49 -10.21 -10.45
CA ASP A 282 14.20 -10.44 -11.03
C ASP A 282 13.09 -9.96 -10.08
N PRO A 283 11.90 -9.80 -10.64
CA PRO A 283 10.76 -9.48 -9.79
C PRO A 283 10.66 -10.34 -8.54
N LEU A 284 10.82 -11.66 -8.65
CA LEU A 284 10.61 -12.51 -7.47
C LEU A 284 11.57 -12.14 -6.34
N THR A 285 12.83 -11.92 -6.67
CA THR A 285 13.77 -11.50 -5.67
C THR A 285 13.25 -10.24 -5.01
N LEU A 286 12.71 -9.33 -5.82
CA LEU A 286 12.23 -8.05 -5.30
C LEU A 286 11.09 -8.20 -4.38
N TYR A 287 10.09 -8.99 -4.76
CA TYR A 287 8.93 -9.16 -3.92
C TYR A 287 9.37 -9.79 -2.59
N HIS A 288 10.32 -10.70 -2.67
CA HIS A 288 10.84 -11.32 -1.42
C HIS A 288 11.65 -10.38 -0.55
N LYS A 289 12.40 -9.47 -1.15
CA LYS A 289 12.98 -8.42 -0.30
C LYS A 289 11.93 -7.55 0.38
N GLY A 290 10.80 -7.30 -0.30
CA GLY A 290 9.70 -6.49 0.28
C GLY A 290 9.15 -7.18 1.50
N ILE A 291 9.00 -8.50 1.38
CA ILE A 291 8.54 -9.35 2.49
C ILE A 291 9.60 -9.36 3.63
N ALA A 292 10.85 -9.55 3.27
CA ALA A 292 11.93 -9.58 4.28
C ALA A 292 12.02 -8.19 4.99
N SER A 293 11.84 -7.12 4.24
CA SER A 293 11.77 -5.79 4.87
C SER A 293 10.63 -5.71 5.92
N ALA A 294 9.45 -6.24 5.64
CA ALA A 294 8.32 -6.19 6.60
C ALA A 294 8.61 -7.01 7.83
N LYS A 295 9.21 -8.21 7.60
CA LYS A 295 9.58 -9.09 8.68
C LYS A 295 10.64 -8.46 9.57
N THR A 296 11.60 -7.73 8.98
CA THR A 296 12.72 -7.19 9.73
C THR A 296 12.39 -5.94 10.49
N TYR A 297 11.70 -5.01 9.84
CA TYR A 297 11.36 -3.75 10.46
C TYR A 297 9.96 -3.60 10.99
N TYR A 298 9.00 -4.40 10.57
CA TYR A 298 7.59 -4.16 10.97
C TYR A 298 6.92 -5.41 11.57
N ARG A 299 7.76 -6.32 12.11
CA ARG A 299 7.35 -7.55 12.78
C ARG A 299 6.45 -8.44 11.96
N ASP A 300 6.61 -8.42 10.62
CA ASP A 300 5.77 -9.21 9.77
C ASP A 300 4.29 -8.91 9.98
N GLU A 301 3.94 -7.64 10.18
CA GLU A 301 2.57 -7.23 10.41
C GLU A 301 1.92 -6.58 9.18
N HIS A 302 2.57 -6.61 8.03
CA HIS A 302 2.04 -5.96 6.85
C HIS A 302 1.45 -7.01 5.87
N ILE A 303 0.39 -6.62 5.16
CA ILE A 303 -0.39 -7.53 4.27
C ILE A 303 0.06 -7.39 2.82
N TYR A 304 0.24 -6.17 2.37
CA TYR A 304 0.52 -6.02 0.95
C TYR A 304 1.78 -6.69 0.38
N PRO A 305 2.88 -6.83 1.19
CA PRO A 305 4.03 -7.49 0.58
C PRO A 305 3.67 -8.88 0.02
N TYR A 306 2.83 -9.57 0.75
CA TYR A 306 2.39 -10.92 0.34
C TYR A 306 1.43 -10.86 -0.78
N MET A 307 0.55 -9.84 -0.80
CA MET A 307 -0.33 -9.67 -1.95
C MET A 307 0.32 -9.32 -3.27
N TYR A 308 1.29 -8.41 -3.24
CA TYR A 308 2.09 -8.12 -4.40
C TYR A 308 2.69 -9.41 -4.97
N LEU A 309 3.36 -10.19 -4.11
CA LEU A 309 3.89 -11.48 -4.53
C LEU A 309 2.78 -12.37 -5.06
N ALA A 310 1.66 -12.42 -4.35
CA ALA A 310 0.55 -13.27 -4.82
C ALA A 310 0.08 -12.89 -6.22
N GLY A 311 0.04 -11.60 -6.51
CA GLY A 311 -0.48 -11.09 -7.77
C GLY A 311 0.43 -11.48 -8.92
N TYR A 312 1.72 -11.30 -8.70
CA TYR A 312 2.70 -11.82 -9.65
C TYR A 312 2.50 -13.29 -9.97
N HIS A 313 2.38 -14.12 -8.94
CA HIS A 313 2.20 -15.54 -9.18
C HIS A 313 0.87 -15.79 -9.90
N CYS A 314 -0.15 -15.02 -9.54
CA CYS A 314 -1.46 -15.12 -10.22
C CYS A 314 -1.35 -14.75 -11.72
N ARG A 315 -0.78 -13.60 -12.05
CA ARG A 315 -0.61 -13.21 -13.47
C ARG A 315 0.18 -14.24 -14.29
N ASN A 316 1.15 -14.90 -13.68
CA ASN A 316 1.91 -15.93 -14.33
C ASN A 316 1.30 -17.35 -14.17
N ARG A 317 0.19 -17.50 -13.46
CA ARG A 317 -0.46 -18.84 -13.31
C ARG A 317 0.35 -19.91 -12.57
N ASN A 318 1.18 -19.44 -11.65
CA ASN A 318 1.78 -20.33 -10.69
C ASN A 318 0.70 -20.41 -9.57
N VAL A 319 -0.24 -21.33 -9.71
CA VAL A 319 -1.39 -21.44 -8.81
C VAL A 319 -0.90 -21.77 -7.40
N ARG A 320 -0.11 -22.82 -7.28
CA ARG A 320 0.46 -23.22 -6.00
C ARG A 320 1.10 -22.05 -5.23
N GLU A 321 1.98 -21.31 -5.91
CA GLU A 321 2.70 -20.20 -5.28
C GLU A 321 1.78 -19.06 -4.97
N ALA A 322 0.79 -18.83 -5.81
CA ALA A 322 -0.18 -17.77 -5.51
C ALA A 322 -1.03 -18.03 -4.24
N LEU A 323 -1.56 -19.24 -4.15
CA LEU A 323 -2.25 -19.71 -2.94
C LEU A 323 -1.33 -19.70 -1.70
N GLN A 324 -0.07 -20.06 -1.82
CA GLN A 324 0.80 -19.95 -0.67
C GLN A 324 0.94 -18.52 -0.16
N ALA A 325 1.12 -17.58 -1.09
CA ALA A 325 1.28 -16.22 -0.75
C ALA A 325 0.03 -15.66 -0.08
N TRP A 326 -1.15 -15.94 -0.63
CA TRP A 326 -2.40 -15.58 0.00
C TRP A 326 -2.58 -16.25 1.35
N ALA A 327 -2.24 -17.51 1.51
CA ALA A 327 -2.32 -18.08 2.89
C ALA A 327 -1.40 -17.31 3.87
N ASP A 328 -0.23 -16.90 3.37
CA ASP A 328 0.70 -16.07 4.16
C ASP A 328 0.07 -14.73 4.47
N THR A 329 -0.71 -14.21 3.52
CA THR A 329 -1.41 -12.99 3.73
C THR A 329 -2.38 -13.17 4.91
N ALA A 330 -3.16 -14.23 4.86
CA ALA A 330 -4.14 -14.49 5.89
C ALA A 330 -3.47 -14.71 7.24
N THR A 331 -2.27 -15.28 7.21
CA THR A 331 -1.54 -15.59 8.43
C THR A 331 -1.17 -14.29 9.11
N VAL A 332 -0.96 -13.21 8.34
CA VAL A 332 -0.72 -11.87 8.97
C VAL A 332 -2.01 -11.28 9.57
N ILE A 333 -3.09 -11.39 8.83
CA ILE A 333 -4.34 -10.72 9.17
C ILE A 333 -4.94 -11.34 10.38
N GLN A 334 -4.60 -12.60 10.65
CA GLN A 334 -5.29 -13.33 11.70
C GLN A 334 -5.08 -12.74 13.08
N ASP A 335 -3.99 -12.00 13.28
CA ASP A 335 -3.68 -11.38 14.52
C ASP A 335 -4.08 -9.92 14.52
N TYR A 336 -5.09 -9.57 13.74
CA TYR A 336 -5.67 -8.23 13.81
C TYR A 336 -7.11 -8.39 14.25
N ASN A 337 -7.71 -7.30 14.72
CA ASN A 337 -9.14 -7.16 14.89
C ASN A 337 -9.69 -6.39 13.71
N TYR A 338 -10.82 -6.86 13.17
CA TYR A 338 -11.45 -6.24 12.02
C TYR A 338 -12.27 -5.08 12.55
N CYS A 339 -11.82 -3.87 12.29
CA CYS A 339 -12.48 -2.69 12.81
C CYS A 339 -13.12 -1.82 11.68
N ARG A 340 -13.96 -0.87 12.09
CA ARG A 340 -14.51 0.11 11.20
C ARG A 340 -13.30 0.83 10.63
N GLU A 341 -13.33 1.21 9.38
CA GLU A 341 -12.15 1.86 8.78
C GLU A 341 -11.11 0.90 8.18
N ASP A 342 -11.23 -0.42 8.40
CA ASP A 342 -10.38 -1.43 7.75
C ASP A 342 -10.96 -1.98 6.45
N GLU A 343 -11.96 -1.32 5.90
CA GLU A 343 -12.74 -1.90 4.80
C GLU A 343 -11.90 -2.16 3.52
N GLU A 344 -10.84 -1.42 3.31
N GLU A 344 -10.84 -1.39 3.28
CA GLU A 344 -10.05 -1.62 2.10
CA GLU A 344 -10.02 -1.62 2.06
C GLU A 344 -9.41 -3.00 2.11
C GLU A 344 -9.44 -3.02 2.10
N ILE A 345 -9.02 -3.47 3.28
CA ILE A 345 -8.39 -4.80 3.37
C ILE A 345 -9.43 -5.91 3.36
N TYR A 346 -10.61 -5.65 3.92
CA TYR A 346 -11.78 -6.53 3.69
C TYR A 346 -12.06 -6.70 2.21
N LYS A 347 -12.07 -5.62 1.43
CA LYS A 347 -12.32 -5.69 -0.01
C LYS A 347 -11.26 -6.48 -0.73
N GLU A 348 -10.00 -6.34 -0.36
CA GLU A 348 -8.91 -7.11 -0.98
C GLU A 348 -9.09 -8.62 -0.73
N PHE A 349 -9.41 -9.03 0.51
CA PHE A 349 -9.62 -10.41 0.82
C PHE A 349 -10.89 -10.95 0.19
N PHE A 350 -11.95 -10.16 0.18
CA PHE A 350 -13.15 -10.55 -0.44
C PHE A 350 -12.92 -10.91 -1.94
N GLU A 351 -12.18 -10.04 -2.63
CA GLU A 351 -11.92 -10.23 -4.05
C GLU A 351 -11.03 -11.44 -4.30
N VAL A 352 -10.08 -11.70 -3.42
CA VAL A 352 -9.25 -12.88 -3.56
C VAL A 352 -10.10 -14.11 -3.42
N ALA A 353 -10.84 -14.19 -2.35
CA ALA A 353 -11.60 -15.41 -2.03
C ALA A 353 -12.72 -15.70 -2.99
N ASN A 354 -13.34 -14.62 -3.45
CA ASN A 354 -14.65 -14.72 -4.09
C ASN A 354 -14.61 -14.33 -5.55
N ASP A 355 -13.47 -13.88 -6.07
CA ASP A 355 -13.36 -13.71 -7.52
C ASP A 355 -12.05 -14.31 -8.08
N VAL A 356 -10.89 -13.95 -7.47
CA VAL A 356 -9.64 -14.29 -8.09
C VAL A 356 -9.39 -15.77 -7.94
N ILE A 357 -9.46 -16.29 -6.71
CA ILE A 357 -9.25 -17.69 -6.52
C ILE A 357 -10.28 -18.56 -7.32
N PRO A 358 -11.57 -18.20 -7.28
CA PRO A 358 -12.47 -19.04 -8.10
C PRO A 358 -12.19 -19.07 -9.59
N ASN A 359 -11.70 -17.97 -10.13
CA ASN A 359 -11.34 -17.97 -11.56
C ASN A 359 -10.06 -18.75 -11.89
N LEU A 360 -9.05 -18.62 -11.04
CA LEU A 360 -7.86 -19.45 -11.08
C LEU A 360 -8.18 -20.93 -11.04
N LEU A 361 -9.12 -21.32 -10.17
CA LEU A 361 -9.38 -22.75 -9.94
C LEU A 361 -10.27 -23.29 -11.03
N LYS A 362 -11.17 -22.45 -11.54
CA LYS A 362 -12.00 -22.82 -12.69
C LYS A 362 -11.12 -23.08 -13.92
N GLU A 363 -10.16 -22.19 -14.16
CA GLU A 363 -9.23 -22.41 -15.25
C GLU A 363 -8.45 -23.72 -15.05
N ALA A 364 -7.94 -23.93 -13.83
CA ALA A 364 -7.19 -25.16 -13.47
C ALA A 364 -8.07 -26.40 -13.66
N ALA A 365 -9.35 -26.30 -13.38
CA ALA A 365 -10.23 -27.46 -13.66
C ALA A 365 -10.30 -27.76 -15.13
N SER A 366 -10.48 -26.75 -15.98
CA SER A 366 -10.42 -27.04 -17.43
C SER A 366 -9.11 -27.60 -17.85
N LEU A 367 -8.02 -27.01 -17.35
CA LEU A 367 -6.68 -27.44 -17.83
C LEU A 367 -6.43 -28.90 -17.37
N LEU A 368 -7.02 -29.29 -16.23
CA LEU A 368 -7.00 -30.69 -15.74
C LEU A 368 -7.79 -31.64 -16.62
N GLU A 369 -9.05 -31.27 -16.89
CA GLU A 369 -9.80 -31.96 -17.91
C GLU A 369 -8.93 -32.13 -19.20
N ALA A 370 -8.14 -31.13 -19.55
CA ALA A 370 -7.32 -31.21 -20.74
C ALA A 370 -6.02 -32.01 -20.54
N GLY A 371 -5.87 -32.66 -19.39
CA GLY A 371 -4.72 -33.53 -19.15
C GLY A 371 -3.50 -32.84 -18.58
N SER A 372 -3.68 -31.92 -17.66
CA SER A 372 -2.49 -31.30 -17.15
C SER A 372 -1.94 -32.07 -15.95
N GLN A 373 -0.62 -32.17 -15.92
CA GLN A 373 0.07 -32.82 -14.81
C GLN A 373 0.48 -31.78 -13.78
N GLY A 374 0.99 -32.23 -12.64
CA GLY A 374 1.39 -31.29 -11.60
C GLY A 374 0.38 -30.17 -11.36
N SER A 375 -0.92 -30.44 -11.41
CA SER A 375 -2.01 -29.42 -11.50
C SER A 375 -2.13 -29.03 -10.03
N ALA A 376 -2.35 -27.73 -9.77
CA ALA A 376 -2.73 -27.31 -8.41
C ALA A 376 -3.80 -28.23 -7.81
N LEU A 377 -4.78 -28.65 -8.62
CA LEU A 377 -5.93 -29.37 -8.11
C LEU A 377 -5.62 -30.82 -7.76
N GLN A 378 -4.45 -31.28 -8.18
CA GLN A 378 -3.95 -32.58 -7.73
C GLN A 378 -2.86 -32.48 -6.67
N ASP A 379 -2.61 -31.28 -6.16
CA ASP A 379 -1.60 -31.13 -5.20
C ASP A 379 -2.23 -30.85 -3.83
N PRO A 380 -2.12 -31.80 -2.89
CA PRO A 380 -2.61 -31.53 -1.55
C PRO A 380 -2.01 -30.30 -0.87
N GLU A 381 -0.76 -29.89 -1.17
CA GLU A 381 -0.26 -28.62 -0.59
C GLU A 381 -1.09 -27.39 -1.07
N CYS A 382 -1.60 -27.42 -2.28
CA CYS A 382 -2.47 -26.36 -2.74
C CYS A 382 -3.75 -26.35 -1.96
N PHE A 383 -4.27 -27.52 -1.62
CA PHE A 383 -5.49 -27.58 -0.80
C PHE A 383 -5.19 -27.03 0.58
N ALA A 384 -4.08 -27.42 1.14
CA ALA A 384 -3.70 -26.91 2.47
C ALA A 384 -3.57 -25.41 2.49
N HIS A 385 -2.98 -24.83 1.43
CA HIS A 385 -2.88 -23.34 1.34
C HIS A 385 -4.23 -22.66 1.30
N LEU A 386 -5.18 -23.23 0.55
CA LEU A 386 -6.51 -22.71 0.48
C LEU A 386 -7.13 -22.76 1.86
N LEU A 387 -6.99 -23.89 2.53
CA LEU A 387 -7.51 -23.98 3.89
C LEU A 387 -6.82 -22.99 4.86
N ARG A 388 -5.49 -22.83 4.76
CA ARG A 388 -4.83 -21.89 5.61
C ARG A 388 -5.34 -20.45 5.38
N PHE A 389 -5.57 -20.09 4.12
CA PHE A 389 -6.13 -18.83 3.77
C PHE A 389 -7.42 -18.57 4.51
N TYR A 390 -8.33 -19.50 4.43
CA TYR A 390 -9.62 -19.31 5.11
C TYR A 390 -9.48 -19.35 6.59
N ASP A 391 -8.60 -20.18 7.12
CA ASP A 391 -8.39 -20.19 8.58
C ASP A 391 -7.95 -18.80 9.12
N GLY A 392 -7.03 -18.14 8.41
CA GLY A 392 -6.61 -16.82 8.80
C GLY A 392 -7.73 -15.80 8.77
N ILE A 393 -8.59 -15.85 7.77
CA ILE A 393 -9.74 -14.96 7.74
C ILE A 393 -10.71 -15.23 8.90
N CYS A 394 -10.98 -16.51 9.14
CA CYS A 394 -11.80 -16.89 10.26
C CYS A 394 -11.19 -16.43 11.57
N LYS A 395 -9.86 -16.59 11.72
CA LYS A 395 -9.22 -16.16 12.96
C LYS A 395 -9.28 -14.61 13.16
N TRP A 396 -9.04 -13.89 12.09
CA TRP A 396 -9.19 -12.46 12.03
C TRP A 396 -10.53 -11.99 12.60
N GLU A 397 -11.59 -12.66 12.19
CA GLU A 397 -12.92 -12.38 12.64
C GLU A 397 -13.13 -12.57 14.15
N GLU A 398 -12.38 -13.48 14.76
CA GLU A 398 -12.64 -13.82 16.17
C GLU A 398 -12.31 -12.61 17.03
N GLY A 399 -13.25 -12.21 17.85
CA GLY A 399 -13.03 -11.15 18.77
C GLY A 399 -13.10 -9.77 18.15
N SER A 400 -13.29 -9.71 16.85
CA SER A 400 -13.43 -8.43 16.15
C SER A 400 -14.76 -7.76 16.44
N PRO A 401 -14.80 -6.42 16.43
CA PRO A 401 -16.12 -5.80 16.78
C PRO A 401 -17.18 -5.88 15.68
N THR A 402 -16.78 -6.26 14.45
CA THR A 402 -17.65 -6.41 13.30
C THR A 402 -17.36 -7.80 12.70
N PRO A 403 -18.42 -8.52 12.18
CA PRO A 403 -18.25 -9.79 11.45
C PRO A 403 -17.51 -9.64 10.10
N VAL A 404 -16.92 -10.70 9.61
CA VAL A 404 -16.26 -10.72 8.32
C VAL A 404 -17.09 -11.60 7.36
N LEU A 405 -17.34 -12.84 7.78
CA LEU A 405 -17.84 -13.84 6.87
C LEU A 405 -19.35 -13.79 6.79
N HIS A 406 -19.90 -14.14 5.64
CA HIS A 406 -21.38 -14.29 5.51
C HIS A 406 -21.67 -15.32 4.43
N VAL A 407 -22.94 -15.58 4.13
CA VAL A 407 -23.24 -16.68 3.23
C VAL A 407 -22.63 -16.56 1.80
N GLY A 408 -22.49 -15.32 1.33
CA GLY A 408 -21.78 -15.01 0.06
C GLY A 408 -20.38 -15.55 -0.02
N TRP A 409 -19.67 -15.58 1.12
CA TRP A 409 -18.40 -16.24 1.14
C TRP A 409 -18.56 -17.76 1.16
N ALA A 410 -19.58 -18.26 1.83
CA ALA A 410 -19.77 -19.70 1.97
C ALA A 410 -19.97 -20.34 0.59
N THR A 411 -20.72 -19.69 -0.27
CA THR A 411 -20.94 -20.19 -1.60
C THR A 411 -19.63 -20.44 -2.35
N PHE A 412 -18.68 -19.50 -2.25
CA PHE A 412 -17.45 -19.65 -3.00
C PHE A 412 -16.58 -20.62 -2.32
N LEU A 413 -16.66 -20.67 -0.99
CA LEU A 413 -15.87 -21.67 -0.29
C LEU A 413 -16.31 -23.05 -0.77
N VAL A 414 -17.59 -23.33 -0.79
CA VAL A 414 -18.04 -24.66 -1.23
C VAL A 414 -17.58 -24.98 -2.64
N GLN A 415 -17.65 -23.99 -3.53
CA GLN A 415 -17.25 -24.20 -4.93
C GLN A 415 -15.75 -24.48 -5.01
N SER A 416 -14.96 -23.73 -4.26
CA SER A 416 -13.51 -23.85 -4.28
C SER A 416 -13.06 -25.24 -3.72
N LEU A 417 -13.68 -25.69 -2.65
CA LEU A 417 -13.35 -27.02 -2.11
C LEU A 417 -13.67 -28.14 -3.12
N GLY A 418 -14.81 -27.98 -3.82
CA GLY A 418 -15.29 -28.94 -4.77
C GLY A 418 -14.40 -29.12 -5.98
N ARG A 419 -13.49 -28.19 -6.23
CA ARG A 419 -12.57 -28.26 -7.38
C ARG A 419 -11.51 -29.32 -7.22
N PHE A 420 -11.24 -29.64 -5.93
CA PHE A 420 -10.31 -30.68 -5.52
C PHE A 420 -11.04 -31.97 -5.24
N GLU A 421 -10.70 -33.09 -5.89
CA GLU A 421 -11.25 -34.40 -5.57
C GLU A 421 -10.98 -34.81 -4.11
N GLY A 422 -11.79 -35.68 -3.66
CA GLY A 422 -11.67 -36.25 -2.33
C GLY A 422 -10.31 -36.91 -2.06
N GLN A 423 -9.82 -37.68 -3.02
CA GLN A 423 -8.52 -38.30 -2.83
C GLN A 423 -7.39 -37.30 -2.68
N VAL A 424 -7.55 -36.06 -3.12
CA VAL A 424 -6.55 -35.03 -2.97
C VAL A 424 -6.81 -34.34 -1.65
N ARG A 425 -8.06 -34.10 -1.28
CA ARG A 425 -8.33 -33.38 -0.07
C ARG A 425 -7.98 -34.21 1.20
N GLN A 426 -8.17 -35.52 1.11
CA GLN A 426 -7.95 -36.40 2.23
C GLN A 426 -6.48 -36.56 2.53
N LYS A 427 -5.58 -36.12 1.65
CA LYS A 427 -4.18 -36.20 1.97
C LYS A 427 -3.65 -35.08 2.87
N VAL A 428 -4.47 -34.06 3.12
CA VAL A 428 -4.04 -33.01 4.02
C VAL A 428 -4.17 -33.51 5.45
N ARG A 429 -3.10 -33.33 6.23
CA ARG A 429 -3.13 -33.76 7.62
C ARG A 429 -3.41 -32.57 8.49
N ILE A 430 -4.56 -32.55 9.15
CA ILE A 430 -4.93 -31.43 9.99
C ILE A 430 -4.69 -31.87 11.43
N VAL A 431 -3.78 -31.19 12.13
CA VAL A 431 -3.43 -31.60 13.49
C VAL A 431 -3.75 -30.47 14.44
N SER A 432 -3.93 -30.78 15.72
CA SER A 432 -4.39 -29.81 16.72
C SER A 432 -3.29 -29.18 17.59
N VAL A 433 -3.54 -27.98 18.10
CA VAL A 433 -2.60 -27.38 19.03
C VAL A 433 -3.08 -27.53 20.48
N PRO A 434 -2.54 -28.50 21.21
CA PRO A 434 -1.50 -29.40 20.70
C PRO A 434 -2.07 -30.66 20.05
CA GLY A 444 3.38 -34.72 3.35
C GLY A 444 2.85 -33.39 3.87
N PRO A 445 1.74 -32.95 3.31
CA PRO A 445 1.12 -31.68 3.72
C PRO A 445 0.59 -31.75 5.16
N VAL A 446 0.92 -30.72 5.95
CA VAL A 446 0.47 -30.67 7.34
C VAL A 446 0.09 -29.29 7.75
N LEU A 447 -0.98 -29.22 8.54
CA LEU A 447 -1.67 -27.97 8.75
C LEU A 447 -2.23 -27.98 10.12
N THR A 448 -2.14 -26.84 10.81
CA THR A 448 -2.79 -26.64 12.10
C THR A 448 -3.75 -25.47 11.87
N PHE A 449 -4.95 -25.58 12.39
CA PHE A 449 -5.91 -24.48 12.34
C PHE A 449 -5.85 -23.69 13.66
N GLN A 450 -5.90 -22.39 13.56
CA GLN A 450 -5.89 -21.48 14.68
C GLN A 450 -7.29 -21.04 14.94
N SER A 451 -8.12 -21.03 13.90
CA SER A 451 -9.53 -20.57 14.04
C SER A 451 -10.49 -21.67 14.52
N GLU A 452 -11.49 -21.31 15.36
CA GLU A 452 -12.49 -22.27 15.76
C GLU A 452 -13.42 -22.68 14.64
N LYS A 453 -13.75 -21.79 13.71
CA LYS A 453 -14.59 -22.22 12.59
C LYS A 453 -13.94 -23.35 11.74
N MET A 454 -12.67 -23.18 11.39
CA MET A 454 -12.07 -24.19 10.57
C MET A 454 -11.84 -25.48 11.37
N LYS A 455 -11.49 -25.39 12.64
CA LYS A 455 -11.35 -26.63 13.47
C LYS A 455 -12.65 -27.42 13.47
N GLY A 456 -13.78 -26.74 13.61
CA GLY A 456 -15.05 -27.46 13.62
C GLY A 456 -15.39 -28.00 12.23
N MET A 457 -14.77 -27.48 11.18
CA MET A 457 -15.05 -27.88 9.82
C MET A 457 -14.19 -29.04 9.37
N LYS A 458 -13.22 -29.45 10.17
CA LYS A 458 -12.19 -30.31 9.61
C LYS A 458 -12.71 -31.61 8.99
N GLU A 459 -13.71 -32.24 9.58
CA GLU A 459 -14.22 -33.48 9.02
C GLU A 459 -14.98 -33.28 7.72
N LEU A 460 -15.79 -32.23 7.68
CA LEU A 460 -16.49 -31.87 6.43
C LEU A 460 -15.56 -31.66 5.27
N LEU A 461 -14.35 -31.19 5.53
CA LEU A 461 -13.49 -30.77 4.45
C LEU A 461 -12.85 -31.88 3.71
N VAL A 462 -12.80 -33.05 4.33
CA VAL A 462 -12.09 -34.20 3.74
C VAL A 462 -13.07 -35.36 3.46
N ALA A 463 -14.34 -35.10 3.64
CA ALA A 463 -15.37 -36.06 3.26
C ALA A 463 -15.39 -36.18 1.74
N THR A 464 -15.65 -37.40 1.24
CA THR A 464 -15.68 -37.68 -0.21
C THR A 464 -16.65 -36.80 -0.92
N LYS A 465 -17.80 -36.65 -0.28
CA LYS A 465 -18.92 -35.84 -0.74
C LYS A 465 -18.87 -34.62 0.12
N ILE A 466 -18.74 -33.45 -0.49
CA ILE A 466 -18.73 -32.18 0.22
C ILE A 466 -20.16 -31.85 0.74
N ASN A 467 -20.35 -31.60 2.04
CA ASN A 467 -21.68 -31.28 2.54
C ASN A 467 -21.85 -29.74 2.57
N SER A 468 -22.39 -29.24 1.49
CA SER A 468 -22.45 -27.84 1.23
C SER A 468 -23.26 -27.09 2.32
N SER A 469 -24.37 -27.63 2.72
CA SER A 469 -25.23 -26.91 3.69
C SER A 469 -24.52 -26.85 5.06
N ALA A 470 -23.83 -27.93 5.43
CA ALA A 470 -23.10 -27.97 6.70
C ALA A 470 -21.91 -27.03 6.71
N ILE A 471 -21.15 -27.00 5.61
CA ILE A 471 -20.06 -26.04 5.46
C ILE A 471 -20.51 -24.60 5.64
N LYS A 472 -21.62 -24.23 4.99
CA LYS A 472 -22.25 -22.91 5.12
C LYS A 472 -22.57 -22.58 6.55
N LEU A 473 -23.19 -23.53 7.23
CA LEU A 473 -23.54 -23.31 8.62
C LEU A 473 -22.29 -23.07 9.46
N GLN A 474 -21.20 -23.80 9.18
CA GLN A 474 -20.02 -23.73 10.00
C GLN A 474 -19.26 -22.44 9.73
N LEU A 475 -19.32 -21.97 8.48
CA LEU A 475 -18.54 -20.78 8.11
C LEU A 475 -19.25 -19.57 8.61
N THR A 476 -20.57 -19.54 8.56
CA THR A 476 -21.22 -18.28 8.95
C THR A 476 -21.76 -18.34 10.38
N ALA A 477 -21.71 -19.50 11.01
CA ALA A 477 -22.29 -19.70 12.33
C ALA A 477 -23.76 -19.35 12.30
N GLN A 478 -24.45 -19.83 11.28
CA GLN A 478 -25.87 -19.64 11.16
C GLN A 478 -26.48 -20.73 12.05
N SER A 479 -27.28 -20.29 13.02
CA SER A 479 -27.80 -21.17 14.07
C SER A 479 -28.75 -22.22 13.46
N GLN A 480 -29.66 -21.77 12.57
CA GLN A 480 -30.81 -22.53 12.13
C GLN A 480 -30.93 -22.59 10.63
N VAL A 481 -31.62 -23.62 10.14
CA VAL A 481 -31.98 -23.74 8.73
C VAL A 481 -33.50 -23.56 8.56
N GLN A 482 -33.96 -23.60 7.29
CA GLN A 482 -35.36 -23.34 6.87
C GLN A 482 -36.53 -24.07 7.57
N MET A 483 -37.37 -23.30 8.27
CA MET A 483 -38.63 -23.79 8.89
C MET A 483 -39.38 -24.73 8.01
N LYS A 484 -39.98 -24.22 6.94
S SO4 B . -5.27 -12.15 -16.57
O1 SO4 B . -6.24 -13.27 -16.78
O2 SO4 B . -4.09 -12.69 -15.82
O3 SO4 B . -5.92 -11.04 -15.85
O4 SO4 B . -4.80 -11.63 -17.87
CAI 2SE C . -3.64 -5.74 -4.12
CAK 2SE C . -4.07 -7.04 -4.39
CBA 2SE C . -3.20 -7.93 -5.01
SBG 2SE C . -3.81 -9.58 -5.29
OAB 2SE C . -3.66 -10.31 -4.02
OAC 2SE C . -3.03 -10.08 -6.46
NAA 2SE C . -5.35 -9.50 -5.64
CAL 2SE C . -1.91 -7.53 -5.37
CAJ 2SE C . -1.49 -6.25 -5.06
CAZ 2SE C . -2.38 -5.33 -4.45
OAY 2SE C . -2.04 -4.06 -4.13
CAP 2SE C . -0.74 -3.53 -4.49
CAO 2SE C . -0.95 -2.02 -4.36
CAU 2SE C . -0.83 -1.67 -2.89
NBE 2SE C . -0.91 -0.18 -2.69
CAW 2SE C . 0.18 0.73 -3.19
CAT 2SE C . -0.24 2.22 -3.15
CAV 2SE C . -1.18 0.03 -1.28
CAS 2SE C . -1.60 1.49 -1.02
CBD 2SE C . -0.51 2.46 -1.58
CBF 2SE C . -0.84 3.97 -1.29
CBC 2SE C . -0.98 4.20 0.24
CAQ 2SE C . 0.23 4.08 1.10
CAM 2SE C . -0.37 4.39 2.46
CAN 2SE C . -1.19 5.61 2.11
CAR 2SE C . -1.49 5.54 0.62
OAD 2SE C . -2.06 4.17 -1.92
CBB 2SE C . 0.14 4.85 -1.82
NAX 2SE C . 1.46 4.59 -1.60
CAG 2SE C . 2.49 5.43 -2.07
CAE 2SE C . 2.15 6.56 -2.80
CAF 2SE C . 0.78 6.88 -2.99
CAH 2SE C . -0.22 6.00 -2.54
C1 PGE D . -22.10 -5.84 1.37
O1 PGE D . -21.98 -6.96 2.16
C2 PGE D . -21.41 -6.25 0.08
O2 PGE D . -22.05 -7.46 -0.34
C3 PGE D . -21.22 -8.34 -1.05
C4 PGE D . -20.21 -7.61 -1.94
O4 PGE D . -17.19 -5.19 -0.52
C6 PGE D . -16.84 -6.31 -1.32
C5 PGE D . -18.01 -6.82 -2.14
O3 PGE D . -18.95 -7.37 -1.23
C1 PEG E . -13.55 15.38 3.15
O1 PEG E . -13.45 14.44 2.14
C2 PEG E . -12.29 16.21 3.02
O2 PEG E . -12.08 16.62 1.64
C3 PEG E . -11.06 17.61 1.52
C4 PEG E . -11.77 18.88 1.02
O4 PEG E . -11.51 19.93 1.95
C1 PEG F . 21.07 -1.97 -1.22
O1 PEG F . 21.68 -1.07 -0.28
C2 PEG F . 20.49 -3.24 -0.51
O2 PEG F . 19.32 -3.76 -1.23
C3 PEG F . 18.33 -4.57 -0.55
C4 PEG F . 17.08 -3.71 -0.20
O4 PEG F . 16.09 -4.46 0.61
S DMS G . 21.45 23.67 -21.35
O DMS G . 20.62 22.47 -21.56
C1 DMS G . 20.49 25.11 -21.30
C2 DMS G . 22.15 23.55 -19.78
S DMS H . 6.40 6.65 18.07
O DMS H . 7.02 5.42 17.59
C1 DMS H . 6.27 7.69 16.71
C2 DMS H . 4.76 6.45 18.51
S DMS I . 0.27 -24.95 -11.20
O DMS I . 0.45 -24.50 -9.78
C1 DMS I . -1.03 -24.18 -11.98
C2 DMS I . 1.57 -24.40 -12.18
S DMS J . 5.92 22.20 -21.89
O DMS J . 6.94 21.17 -22.23
C1 DMS J . 4.38 21.58 -22.29
C2 DMS J . 5.89 22.30 -20.20
#